data_2WZM
#
_entry.id   2WZM
#
_cell.length_a   65.456
_cell.length_b   65.456
_cell.length_c   96.844
_cell.angle_alpha   90.00
_cell.angle_beta   90.00
_cell.angle_gamma   120.00
#
_symmetry.space_group_name_H-M   'P 32'
#
loop_
_entity.id
_entity.type
_entity.pdbx_description
1 polymer 'ALDO-KETO REDUCTASE'
2 non-polymer '[(2R,3R,4R,5R)-5-(6-AMINO-9H-PURIN-9-YL)-3-HYDROXY-4-(PHOSPHONOOXY)TETRAHYDROFURAN-2-YL]METHYL [(2R,3S,4S)-3,4-DIHYDROXYTETRAHYDROFURAN-2-YL]METHYL DIHYDROGEN DIPHOSPHATE'
3 water water
#
_entity_poly.entity_id   1
_entity_poly.type   'polypeptide(L)'
_entity_poly.pdbx_seq_one_letter_code
;MTASHGQAAAIPTVTLNDDNTLPVVGIGVGELSDSEAERSVSAALEAGYRLIDTAAAYGNEAAVGRAIAASGIPRDEIYV
TTKLATPDQGFTSSQAAARASLERLGLDYVDLYLIHWPGGDTSKYVDSWGGLMKVKEDGIARSIGVCNFGAEDLETIVSL
TYFTPAVNQIELHPLLNQAALREVNAGYNIVTEAYGPLGVGRLLDHPAVTAIAEAHGRTAAQVLLRWSIQLGNVVISRSA
NPERIASNLDVFGFELTADEMETLNGLDDGTRFRPDPATYTGS
;
_entity_poly.pdbx_strand_id   A,B
#
# COMPACT_ATOMS: atom_id res chain seq x y z
N ALA A 10 -21.83 14.55 -14.99
CA ALA A 10 -21.30 15.86 -15.46
C ALA A 10 -19.87 15.73 -16.00
N ILE A 11 -19.37 14.50 -16.02
CA ILE A 11 -17.99 14.21 -16.41
C ILE A 11 -17.74 14.45 -17.91
N PRO A 12 -16.73 15.28 -18.25
CA PRO A 12 -16.35 15.50 -19.65
C PRO A 12 -15.93 14.19 -20.37
N THR A 13 -15.99 14.20 -21.69
CA THR A 13 -15.57 13.03 -22.47
C THR A 13 -14.47 13.36 -23.48
N VAL A 14 -13.87 12.31 -24.04
CA VAL A 14 -12.94 12.46 -25.15
C VAL A 14 -13.49 11.65 -26.31
N THR A 15 -13.24 12.10 -27.52
CA THR A 15 -13.66 11.38 -28.71
C THR A 15 -12.49 10.60 -29.29
N LEU A 16 -12.69 9.31 -29.59
CA LEU A 16 -11.62 8.45 -30.10
C LEU A 16 -11.56 8.48 -31.64
N ASN A 17 -10.49 7.92 -32.22
CA ASN A 17 -10.32 7.92 -33.69
C ASN A 17 -11.23 6.94 -34.47
N ASP A 18 -12.06 6.22 -33.73
CA ASP A 18 -13.01 5.31 -34.37
C ASP A 18 -14.43 5.85 -34.15
N ASP A 19 -14.52 7.11 -33.71
CA ASP A 19 -15.77 7.85 -33.48
C ASP A 19 -16.46 7.53 -32.13
N ASN A 20 -15.93 6.58 -31.35
CA ASN A 20 -16.50 6.33 -30.01
C ASN A 20 -16.04 7.34 -28.95
N THR A 21 -16.73 7.41 -27.81
CA THR A 21 -16.35 8.39 -26.79
C THR A 21 -16.11 7.70 -25.45
N LEU A 22 -15.24 8.28 -24.63
CA LEU A 22 -15.01 7.75 -23.28
C LEU A 22 -15.01 8.89 -22.25
N PRO A 23 -15.46 8.62 -21.02
CA PRO A 23 -15.26 9.57 -19.93
C PRO A 23 -13.77 9.87 -19.71
N VAL A 24 -13.45 11.07 -19.24
CA VAL A 24 -12.04 11.45 -18.99
C VAL A 24 -11.50 10.94 -17.66
N VAL A 25 -12.35 10.37 -16.80
CA VAL A 25 -11.88 9.72 -15.57
C VAL A 25 -12.55 8.36 -15.39
N GLY A 26 -11.77 7.38 -14.94
CA GLY A 26 -12.32 6.05 -14.61
C GLY A 26 -11.63 5.43 -13.39
N ILE A 27 -12.16 4.31 -12.92
CA ILE A 27 -11.52 3.56 -11.83
C ILE A 27 -10.92 2.28 -12.38
N GLY A 28 -9.68 1.96 -11.96
CA GLY A 28 -9.05 0.71 -12.34
C GLY A 28 -8.94 -0.14 -11.10
N VAL A 29 -9.09 -1.44 -11.22
CA VAL A 29 -9.03 -2.27 -10.05
C VAL A 29 -7.67 -2.95 -9.86
N GLY A 30 -6.86 -3.00 -10.92
CA GLY A 30 -5.53 -3.63 -10.78
C GLY A 30 -5.67 -5.01 -10.15
N GLU A 31 -4.70 -5.37 -9.29
CA GLU A 31 -4.68 -6.72 -8.71
C GLU A 31 -5.41 -6.87 -7.36
N LEU A 32 -6.42 -6.05 -7.13
CA LEU A 32 -7.31 -6.24 -5.97
C LEU A 32 -7.93 -7.65 -5.99
N SER A 33 -8.12 -8.23 -4.81
CA SER A 33 -8.78 -9.55 -4.70
C SER A 33 -10.23 -9.47 -5.18
N ASP A 34 -10.84 -10.63 -5.42
CA ASP A 34 -12.23 -10.68 -5.88
C ASP A 34 -13.16 -9.83 -5.01
N SER A 35 -13.10 -10.01 -3.69
CA SER A 35 -13.95 -9.20 -2.80
C SER A 35 -13.72 -7.69 -2.86
N GLU A 36 -12.46 -7.28 -2.89
CA GLU A 36 -12.10 -5.85 -2.92
C GLU A 36 -12.47 -5.18 -4.24
N ALA A 37 -12.29 -5.93 -5.33
CA ALA A 37 -12.65 -5.45 -6.68
C ALA A 37 -14.15 -5.19 -6.75
N GLU A 38 -14.94 -6.16 -6.32
CA GLU A 38 -16.38 -5.98 -6.33
CA GLU A 38 -16.39 -5.99 -6.32
C GLU A 38 -16.79 -4.78 -5.47
N ARG A 39 -16.22 -4.66 -4.26
CA ARG A 39 -16.52 -3.52 -3.39
C ARG A 39 -16.21 -2.14 -4.00
N SER A 40 -15.00 -1.96 -4.57
CA SER A 40 -14.61 -0.67 -5.17
C SER A 40 -15.42 -0.30 -6.42
N VAL A 41 -15.71 -1.27 -7.27
CA VAL A 41 -16.51 -0.99 -8.46
C VAL A 41 -17.94 -0.60 -8.08
N SER A 42 -18.52 -1.33 -7.13
CA SER A 42 -19.85 -0.96 -6.64
C SER A 42 -19.85 0.47 -6.07
N ALA A 43 -18.87 0.78 -5.23
CA ALA A 43 -18.75 2.14 -4.68
C ALA A 43 -18.56 3.20 -5.76
N ALA A 44 -17.70 2.90 -6.73
CA ALA A 44 -17.47 3.83 -7.82
C ALA A 44 -18.74 4.12 -8.62
N LEU A 45 -19.46 3.07 -8.97
CA LEU A 45 -20.68 3.22 -9.77
C LEU A 45 -21.69 4.08 -9.01
N GLU A 46 -21.88 3.76 -7.73
CA GLU A 46 -22.74 4.57 -6.86
C GLU A 46 -22.31 6.05 -6.81
N ALA A 47 -20.99 6.28 -6.76
CA ALA A 47 -20.46 7.65 -6.71
C ALA A 47 -20.59 8.40 -8.04
N GLY A 48 -20.85 7.66 -9.12
CA GLY A 48 -20.96 8.31 -10.41
C GLY A 48 -19.89 8.00 -11.46
N TYR A 49 -18.92 7.15 -11.14
CA TYR A 49 -17.99 6.63 -12.17
C TYR A 49 -18.79 5.81 -13.19
N ARG A 50 -18.39 5.89 -14.46
CA ARG A 50 -18.96 5.02 -15.50
C ARG A 50 -17.90 4.25 -16.31
N LEU A 51 -16.66 4.75 -16.26
CA LEU A 51 -15.54 4.04 -16.87
C LEU A 51 -14.84 3.15 -15.86
N ILE A 52 -14.86 1.83 -16.14
CA ILE A 52 -14.33 0.80 -15.26
C ILE A 52 -13.24 0.01 -16.02
N ASP A 53 -12.08 -0.12 -15.40
CA ASP A 53 -10.91 -0.74 -16.04
C ASP A 53 -10.41 -1.94 -15.24
N THR A 54 -10.39 -3.10 -15.90
CA THR A 54 -9.89 -4.35 -15.31
C THR A 54 -9.00 -5.05 -16.36
N ALA A 55 -8.62 -6.30 -16.09
CA ALA A 55 -7.77 -7.07 -17.02
C ALA A 55 -7.84 -8.55 -16.72
N ALA A 56 -7.63 -9.38 -17.74
CA ALA A 56 -7.66 -10.86 -17.51
C ALA A 56 -6.54 -11.27 -16.56
N ALA A 57 -5.40 -10.59 -16.71
CA ALA A 57 -4.22 -10.89 -15.89
C ALA A 57 -4.43 -10.59 -14.41
N TYR A 58 -5.41 -9.74 -14.08
CA TYR A 58 -5.66 -9.42 -12.66
C TYR A 58 -6.48 -10.51 -11.95
N GLY A 59 -7.16 -11.35 -12.73
CA GLY A 59 -7.95 -12.47 -12.23
C GLY A 59 -9.27 -12.10 -11.58
N ASN A 60 -9.62 -10.81 -11.64
CA ASN A 60 -10.83 -10.32 -10.97
C ASN A 60 -11.99 -9.84 -11.88
N GLU A 61 -11.97 -10.23 -13.14
CA GLU A 61 -13.03 -9.83 -14.09
C GLU A 61 -14.43 -10.24 -13.64
N ALA A 62 -14.56 -11.48 -13.18
CA ALA A 62 -15.87 -11.96 -12.72
C ALA A 62 -16.38 -11.10 -11.55
N ALA A 63 -15.50 -10.78 -10.60
CA ALA A 63 -15.85 -9.92 -9.45
C ALA A 63 -16.36 -8.54 -9.90
N VAL A 64 -15.67 -7.94 -10.88
CA VAL A 64 -16.10 -6.68 -11.49
C VAL A 64 -17.46 -6.83 -12.15
N GLY A 65 -17.63 -7.94 -12.88
CA GLY A 65 -18.91 -8.26 -13.54
C GLY A 65 -20.07 -8.33 -12.54
N ARG A 66 -19.78 -8.90 -11.38
CA ARG A 66 -20.84 -9.01 -10.36
C ARG A 66 -21.24 -7.63 -9.84
N ALA A 67 -20.26 -6.73 -9.65
CA ALA A 67 -20.56 -5.35 -9.21
C ALA A 67 -21.41 -4.63 -10.25
N ILE A 68 -21.09 -4.84 -11.52
CA ILE A 68 -21.85 -4.24 -12.59
C ILE A 68 -23.30 -4.77 -12.63
N ALA A 69 -23.43 -6.10 -12.58
CA ALA A 69 -24.74 -6.79 -12.60
C ALA A 69 -25.66 -6.32 -11.47
N ALA A 70 -25.07 -6.09 -10.30
CA ALA A 70 -25.84 -5.72 -9.10
C ALA A 70 -26.16 -4.24 -9.02
N SER A 71 -25.57 -3.44 -9.92
CA SER A 71 -25.65 -1.99 -9.80
C SER A 71 -27.02 -1.39 -10.15
N GLY A 72 -27.80 -2.09 -10.96
CA GLY A 72 -29.07 -1.54 -11.45
C GLY A 72 -28.92 -0.40 -12.45
N ILE A 73 -27.70 -0.21 -12.99
CA ILE A 73 -27.50 0.83 -14.00
C ILE A 73 -27.54 0.17 -15.38
N PRO A 74 -28.30 0.78 -16.35
CA PRO A 74 -28.33 0.21 -17.71
C PRO A 74 -26.94 0.07 -18.31
N ARG A 75 -26.72 -1.09 -18.93
CA ARG A 75 -25.43 -1.47 -19.55
C ARG A 75 -24.87 -0.39 -20.47
N ASP A 76 -25.76 0.24 -21.25
CA ASP A 76 -25.38 1.23 -22.24
C ASP A 76 -24.67 2.46 -21.67
N GLU A 77 -24.87 2.70 -20.36
CA GLU A 77 -24.35 3.87 -19.66
C GLU A 77 -22.98 3.60 -19.04
N ILE A 78 -22.55 2.35 -19.10
CA ILE A 78 -21.31 1.92 -18.44
C ILE A 78 -20.27 1.65 -19.54
N TYR A 79 -19.03 2.04 -19.24
CA TYR A 79 -17.91 1.85 -20.18
C TYR A 79 -16.89 0.90 -19.57
N VAL A 80 -16.84 -0.34 -20.07
CA VAL A 80 -16.01 -1.40 -19.48
C VAL A 80 -14.76 -1.62 -20.34
N THR A 81 -13.59 -1.60 -19.67
CA THR A 81 -12.31 -1.86 -20.34
C THR A 81 -11.74 -3.14 -19.76
N THR A 82 -11.27 -4.03 -20.62
CA THR A 82 -10.43 -5.12 -20.14
C THR A 82 -9.26 -5.37 -21.11
N LYS A 83 -8.42 -6.35 -20.82
CA LYS A 83 -7.11 -6.44 -21.49
C LYS A 83 -6.71 -7.88 -21.77
N LEU A 84 -5.97 -8.04 -22.89
CA LEU A 84 -5.44 -9.33 -23.36
C LEU A 84 -4.13 -9.66 -22.60
N ALA A 85 -4.17 -10.73 -21.81
CA ALA A 85 -3.01 -11.12 -21.03
C ALA A 85 -1.87 -11.59 -21.96
N THR A 86 -0.63 -11.28 -21.61
CA THR A 86 0.51 -11.58 -22.50
C THR A 86 0.58 -13.07 -22.92
N PRO A 87 0.37 -14.03 -21.99
CA PRO A 87 0.38 -15.45 -22.41
C PRO A 87 -0.68 -15.87 -23.46
N ASP A 88 -1.72 -15.03 -23.62
CA ASP A 88 -2.82 -15.28 -24.53
C ASP A 88 -2.62 -14.59 -25.88
N GLN A 89 -1.46 -13.96 -26.08
CA GLN A 89 -1.20 -13.28 -27.34
C GLN A 89 -1.14 -14.22 -28.54
N GLY A 90 -1.52 -13.68 -29.69
CA GLY A 90 -1.70 -14.46 -30.90
C GLY A 90 -2.92 -13.99 -31.67
N PHE A 91 -2.94 -14.27 -32.98
CA PHE A 91 -4.08 -13.92 -33.80
C PHE A 91 -5.33 -14.69 -33.40
N THR A 92 -5.22 -16.02 -33.38
CA THR A 92 -6.38 -16.84 -33.03
C THR A 92 -6.66 -16.84 -31.52
N SER A 93 -5.60 -16.93 -30.72
CA SER A 93 -5.73 -16.97 -29.28
C SER A 93 -6.30 -15.68 -28.68
N SER A 94 -5.97 -14.53 -29.27
CA SER A 94 -6.55 -13.26 -28.75
C SER A 94 -8.08 -13.18 -28.91
N GLN A 95 -8.60 -13.74 -30.01
CA GLN A 95 -10.04 -13.72 -30.26
C GLN A 95 -10.78 -14.59 -29.26
N ALA A 96 -10.19 -15.74 -28.95
CA ALA A 96 -10.74 -16.62 -27.92
C ALA A 96 -10.66 -15.96 -26.52
N ALA A 97 -9.56 -15.27 -26.24
CA ALA A 97 -9.31 -14.63 -24.94
C ALA A 97 -10.30 -13.48 -24.68
N ALA A 98 -10.63 -12.73 -25.73
CA ALA A 98 -11.66 -11.68 -25.63
C ALA A 98 -13.03 -12.27 -25.25
N ARG A 99 -13.38 -13.38 -25.90
CA ARG A 99 -14.64 -14.07 -25.64
C ARG A 99 -14.67 -14.68 -24.24
N ALA A 100 -13.55 -15.23 -23.77
CA ALA A 100 -13.47 -15.77 -22.42
C ALA A 100 -13.61 -14.63 -21.40
N SER A 101 -13.00 -13.48 -21.67
CA SER A 101 -13.20 -12.31 -20.82
C SER A 101 -14.67 -11.89 -20.74
N LEU A 102 -15.39 -11.93 -21.84
CA LEU A 102 -16.81 -11.59 -21.81
C LEU A 102 -17.60 -12.55 -20.91
N GLU A 103 -17.29 -13.85 -20.99
CA GLU A 103 -17.95 -14.87 -20.17
C GLU A 103 -17.73 -14.57 -18.71
N ARG A 104 -16.47 -14.32 -18.34
CA ARG A 104 -16.14 -14.03 -16.95
C ARG A 104 -16.87 -12.78 -16.45
N LEU A 105 -16.92 -11.75 -17.30
CA LEU A 105 -17.55 -10.48 -16.93
C LEU A 105 -19.08 -10.54 -16.93
N GLY A 106 -19.62 -11.58 -17.57
CA GLY A 106 -21.07 -11.70 -17.75
C GLY A 106 -21.62 -10.64 -18.68
N LEU A 107 -20.84 -10.26 -19.70
CA LEU A 107 -21.25 -9.23 -20.66
C LEU A 107 -21.30 -9.77 -22.10
N ASP A 108 -22.04 -9.07 -22.95
CA ASP A 108 -22.15 -9.38 -24.39
C ASP A 108 -21.12 -8.61 -25.22
N TYR A 109 -20.55 -7.56 -24.63
CA TYR A 109 -19.46 -6.80 -25.28
C TYR A 109 -18.70 -6.02 -24.23
N VAL A 110 -17.47 -5.62 -24.57
CA VAL A 110 -16.79 -4.61 -23.79
C VAL A 110 -16.62 -3.34 -24.60
N ASP A 111 -16.43 -2.22 -23.92
CA ASP A 111 -16.28 -0.95 -24.63
C ASP A 111 -14.88 -0.68 -25.13
N LEU A 112 -13.87 -1.21 -24.44
CA LEU A 112 -12.49 -1.01 -24.85
C LEU A 112 -11.71 -2.26 -24.49
N TYR A 113 -10.96 -2.79 -25.47
CA TYR A 113 -10.17 -4.01 -25.24
C TYR A 113 -8.73 -3.70 -25.64
N LEU A 114 -7.77 -3.94 -24.74
CA LEU A 114 -6.39 -3.49 -24.94
C LEU A 114 -5.40 -4.64 -24.93
N ILE A 115 -4.37 -4.57 -25.80
CA ILE A 115 -3.20 -5.42 -25.58
C ILE A 115 -2.51 -4.94 -24.31
N HIS A 116 -2.35 -5.82 -23.32
CA HIS A 116 -1.86 -5.40 -21.99
C HIS A 116 -0.38 -4.95 -21.99
N TRP A 117 0.47 -5.65 -22.75
CA TRP A 117 1.90 -5.33 -22.85
C TRP A 117 2.40 -5.70 -24.23
N PRO A 118 3.39 -4.95 -24.76
CA PRO A 118 4.04 -5.39 -26.01
C PRO A 118 4.57 -6.82 -25.87
N GLY A 119 5.20 -7.09 -24.72
CA GLY A 119 5.55 -8.47 -24.33
C GLY A 119 6.85 -9.04 -24.91
N GLY A 120 7.59 -8.23 -25.66
CA GLY A 120 8.89 -8.61 -26.17
C GLY A 120 8.93 -9.61 -27.32
N ASP A 121 7.92 -9.57 -28.19
CA ASP A 121 7.88 -10.38 -29.42
C ASP A 121 6.98 -9.69 -30.44
N THR A 122 7.59 -9.03 -31.42
CA THR A 122 6.85 -8.16 -32.36
C THR A 122 5.86 -8.94 -33.22
N SER A 123 6.26 -10.13 -33.67
CA SER A 123 5.38 -10.98 -34.45
C SER A 123 4.08 -11.23 -33.68
N LYS A 124 4.23 -11.54 -32.40
CA LYS A 124 3.08 -11.95 -31.61
C LYS A 124 2.15 -10.77 -31.33
N TYR A 125 2.72 -9.60 -31.02
CA TYR A 125 1.84 -8.46 -30.72
C TYR A 125 1.20 -7.90 -32.01
N VAL A 126 1.92 -7.99 -33.14
CA VAL A 126 1.27 -7.67 -34.43
C VAL A 126 0.10 -8.61 -34.74
N ASP A 127 0.33 -9.92 -34.57
CA ASP A 127 -0.75 -10.89 -34.77
C ASP A 127 -1.91 -10.66 -33.81
N SER A 128 -1.58 -10.36 -32.56
CA SER A 128 -2.60 -10.00 -31.55
C SER A 128 -3.42 -8.82 -32.03
N TRP A 129 -2.75 -7.81 -32.58
CA TRP A 129 -3.46 -6.64 -33.13
C TRP A 129 -4.44 -7.01 -34.24
N GLY A 130 -4.01 -7.88 -35.17
CA GLY A 130 -4.92 -8.39 -36.21
C GLY A 130 -6.10 -9.13 -35.62
N GLY A 131 -5.84 -9.92 -34.57
CA GLY A 131 -6.89 -10.62 -33.82
C GLY A 131 -7.88 -9.60 -33.24
N LEU A 132 -7.34 -8.57 -32.58
CA LEU A 132 -8.19 -7.52 -32.00
C LEU A 132 -9.03 -6.79 -33.03
N MET A 133 -8.51 -6.64 -34.25
CA MET A 133 -9.28 -6.00 -35.32
C MET A 133 -10.51 -6.84 -35.64
N LYS A 134 -10.35 -8.16 -35.64
CA LYS A 134 -11.46 -9.10 -35.80
C LYS A 134 -12.43 -9.03 -34.62
N VAL A 135 -11.90 -8.96 -33.41
CA VAL A 135 -12.70 -8.76 -32.20
C VAL A 135 -13.61 -7.55 -32.35
N LYS A 136 -13.08 -6.43 -32.84
CA LYS A 136 -13.89 -5.21 -33.05
C LYS A 136 -14.91 -5.41 -34.18
N GLU A 137 -14.48 -6.03 -35.29
CA GLU A 137 -15.35 -6.25 -36.45
C GLU A 137 -16.54 -7.11 -36.03
N ASP A 138 -16.27 -8.10 -35.19
CA ASP A 138 -17.29 -8.98 -34.62
C ASP A 138 -18.22 -8.33 -33.57
N GLY A 139 -17.91 -7.12 -33.11
CA GLY A 139 -18.75 -6.42 -32.13
C GLY A 139 -18.50 -6.84 -30.67
N ILE A 140 -17.46 -7.65 -30.48
CA ILE A 140 -17.06 -8.11 -29.16
C ILE A 140 -16.50 -6.92 -28.32
N ALA A 141 -15.73 -6.05 -28.98
CA ALA A 141 -15.21 -4.81 -28.36
C ALA A 141 -15.55 -3.60 -29.23
N ARG A 142 -16.05 -2.54 -28.61
CA ARG A 142 -16.44 -1.34 -29.36
C ARG A 142 -15.21 -0.64 -29.94
N SER A 143 -14.18 -0.55 -29.12
CA SER A 143 -12.89 0.07 -29.48
C SER A 143 -11.74 -0.85 -29.07
N ILE A 144 -10.65 -0.75 -29.81
CA ILE A 144 -9.44 -1.53 -29.47
C ILE A 144 -8.23 -0.62 -29.34
N GLY A 145 -7.30 -1.00 -28.47
CA GLY A 145 -6.14 -0.17 -28.20
C GLY A 145 -5.02 -0.97 -27.57
N VAL A 146 -4.08 -0.24 -26.99
CA VAL A 146 -2.88 -0.88 -26.45
C VAL A 146 -2.53 -0.31 -25.08
N CYS A 147 -1.71 -1.03 -24.31
CA CYS A 147 -1.12 -0.51 -23.09
C CYS A 147 0.39 -0.64 -23.11
N ASN A 148 1.07 0.38 -22.58
CA ASN A 148 2.51 0.33 -22.34
C ASN A 148 3.27 0.16 -23.66
N PHE A 149 2.73 0.71 -24.73
CA PHE A 149 3.45 0.73 -26.02
C PHE A 149 4.35 1.96 -26.14
N GLY A 150 5.62 1.74 -26.45
CA GLY A 150 6.52 2.83 -26.83
C GLY A 150 6.39 3.26 -28.27
N ALA A 151 7.10 4.32 -28.66
CA ALA A 151 6.98 4.89 -29.99
C ALA A 151 7.31 3.88 -31.12
N GLU A 152 8.34 3.07 -30.90
CA GLU A 152 8.73 2.07 -31.89
C GLU A 152 7.67 0.98 -32.05
N ASP A 153 7.09 0.53 -30.94
CA ASP A 153 6.00 -0.46 -30.97
C ASP A 153 4.78 0.07 -31.74
N LEU A 154 4.42 1.33 -31.48
CA LEU A 154 3.34 1.99 -32.20
C LEU A 154 3.62 2.06 -33.70
N GLU A 155 4.83 2.49 -34.05
CA GLU A 155 5.20 2.58 -35.47
C GLU A 155 5.05 1.22 -36.15
N THR A 156 5.45 0.16 -35.44
CA THR A 156 5.37 -1.19 -35.97
C THR A 156 3.93 -1.62 -36.24
N ILE A 157 3.03 -1.48 -35.26
CA ILE A 157 1.64 -1.88 -35.55
C ILE A 157 0.95 -1.03 -36.61
N VAL A 158 1.20 0.27 -36.62
CA VAL A 158 0.54 1.17 -37.57
C VAL A 158 1.11 0.92 -38.98
N SER A 159 2.42 0.78 -39.10
CA SER A 159 3.09 0.46 -40.38
C SER A 159 2.64 -0.84 -41.04
N LEU A 160 2.50 -1.90 -40.25
CA LEU A 160 2.20 -3.21 -40.78
C LEU A 160 0.71 -3.46 -40.97
N THR A 161 -0.15 -2.82 -40.16
CA THR A 161 -1.58 -3.13 -40.20
C THR A 161 -2.46 -2.00 -40.74
N TYR A 162 -1.91 -0.78 -40.79
CA TYR A 162 -2.63 0.44 -41.18
C TYR A 162 -3.88 0.70 -40.32
N PHE A 163 -3.86 0.19 -39.07
CA PHE A 163 -5.00 0.36 -38.17
C PHE A 163 -4.46 0.92 -36.86
N THR A 164 -4.91 2.12 -36.52
CA THR A 164 -4.30 2.84 -35.40
C THR A 164 -5.05 2.55 -34.10
N PRO A 165 -4.31 2.25 -33.01
CA PRO A 165 -5.00 2.06 -31.71
C PRO A 165 -5.85 3.27 -31.31
N ALA A 166 -6.97 3.04 -30.65
CA ALA A 166 -7.77 4.19 -30.18
C ALA A 166 -7.17 4.84 -28.96
N VAL A 167 -6.55 4.01 -28.12
CA VAL A 167 -5.95 4.44 -26.84
C VAL A 167 -4.58 3.77 -26.67
N ASN A 168 -3.67 4.49 -25.98
CA ASN A 168 -2.43 3.91 -25.48
C ASN A 168 -2.38 4.21 -23.99
N GLN A 169 -2.60 3.16 -23.18
CA GLN A 169 -2.70 3.29 -21.72
C GLN A 169 -1.32 3.08 -21.10
N ILE A 170 -0.79 4.13 -20.47
CA ILE A 170 0.61 4.15 -20.02
C ILE A 170 0.74 4.69 -18.59
N GLU A 171 1.72 4.20 -17.83
CA GLU A 171 2.01 4.79 -16.52
C GLU A 171 2.36 6.27 -16.67
N LEU A 172 1.74 7.13 -15.88
CA LEU A 172 1.95 8.56 -16.05
C LEU A 172 1.64 9.30 -14.74
N HIS A 173 2.59 10.10 -14.31
CA HIS A 173 2.52 10.90 -13.08
C HIS A 173 3.69 11.91 -13.10
N PRO A 174 3.74 12.89 -12.17
CA PRO A 174 4.84 13.88 -12.33
C PRO A 174 6.28 13.33 -12.34
N LEU A 175 6.55 12.17 -11.77
CA LEU A 175 7.93 11.63 -11.86
C LEU A 175 8.20 10.95 -13.21
N LEU A 176 7.12 10.65 -13.95
CA LEU A 176 7.19 9.99 -15.24
C LEU A 176 6.06 10.62 -16.09
N ASN A 177 6.28 11.86 -16.59
CA ASN A 177 5.20 12.61 -17.23
C ASN A 177 4.91 12.24 -18.69
N GLN A 178 5.79 11.44 -19.29
CA GLN A 178 5.58 10.90 -20.66
C GLN A 178 5.36 11.96 -21.75
N ALA A 179 5.99 13.16 -21.61
CA ALA A 179 5.81 14.20 -22.62
C ALA A 179 6.11 13.68 -24.03
N ALA A 180 7.21 12.96 -24.18
CA ALA A 180 7.65 12.51 -25.50
C ALA A 180 6.61 11.55 -26.11
N LEU A 181 6.18 10.58 -25.32
CA LEU A 181 5.21 9.58 -25.79
C LEU A 181 3.82 10.17 -25.98
N ARG A 182 3.41 11.15 -25.14
CA ARG A 182 2.15 11.87 -25.35
C ARG A 182 2.13 12.55 -26.72
N GLU A 183 3.27 13.12 -27.11
CA GLU A 183 3.39 13.77 -28.41
C GLU A 183 3.29 12.78 -29.58
N VAL A 184 3.93 11.62 -29.44
CA VAL A 184 3.76 10.53 -30.41
C VAL A 184 2.31 10.05 -30.49
N ASN A 185 1.70 9.79 -29.34
CA ASN A 185 0.29 9.40 -29.33
C ASN A 185 -0.56 10.42 -30.09
N ALA A 186 -0.41 11.70 -29.74
CA ALA A 186 -1.25 12.75 -30.35
C ALA A 186 -1.05 12.80 -31.87
N GLY A 187 0.20 12.63 -32.32
CA GLY A 187 0.52 12.61 -33.76
C GLY A 187 -0.19 11.52 -34.54
N TYR A 188 -0.44 10.40 -33.88
CA TYR A 188 -1.19 9.28 -34.49
C TYR A 188 -2.69 9.38 -34.23
N ASN A 189 -3.12 10.43 -33.53
CA ASN A 189 -4.54 10.57 -33.11
C ASN A 189 -4.97 9.46 -32.13
N ILE A 190 -4.04 9.08 -31.27
CA ILE A 190 -4.29 8.09 -30.20
C ILE A 190 -4.47 8.85 -28.90
N VAL A 191 -5.53 8.53 -28.16
CA VAL A 191 -5.75 9.10 -26.81
C VAL A 191 -4.81 8.48 -25.78
N THR A 192 -4.20 9.33 -24.95
CA THR A 192 -3.38 8.85 -23.83
C THR A 192 -4.26 8.59 -22.63
N GLU A 193 -4.16 7.37 -22.09
CA GLU A 193 -4.83 7.03 -20.84
C GLU A 193 -3.75 6.87 -19.78
N ALA A 194 -3.75 7.73 -18.78
CA ALA A 194 -2.76 7.67 -17.72
C ALA A 194 -3.23 6.71 -16.62
N TYR A 195 -2.34 5.79 -16.22
CA TYR A 195 -2.56 4.99 -15.02
C TYR A 195 -1.47 5.24 -13.96
N GLY A 196 -1.74 4.80 -12.72
CA GLY A 196 -0.83 5.06 -11.60
C GLY A 196 -0.59 6.53 -11.28
N PRO A 197 -1.65 7.38 -11.32
CA PRO A 197 -1.45 8.84 -11.21
C PRO A 197 -0.96 9.32 -9.84
N LEU A 198 -1.12 8.49 -8.80
CA LEU A 198 -0.71 8.84 -7.44
C LEU A 198 0.64 8.22 -7.04
N GLY A 199 1.24 7.48 -7.99
CA GLY A 199 2.48 6.72 -7.74
C GLY A 199 2.44 5.81 -6.52
N VAL A 200 1.45 4.92 -6.47
CA VAL A 200 1.15 4.02 -5.33
C VAL A 200 0.98 4.77 -4.01
N GLY A 201 0.57 6.04 -4.13
CA GLY A 201 0.36 6.88 -2.96
C GLY A 201 1.60 7.59 -2.49
N ARG A 202 2.75 7.26 -3.08
CA ARG A 202 4.02 7.87 -2.68
C ARG A 202 4.09 9.34 -3.02
N LEU A 203 3.35 9.76 -4.05
CA LEU A 203 3.39 11.13 -4.50
C LEU A 203 2.54 12.08 -3.63
N LEU A 204 1.70 11.51 -2.78
CA LEU A 204 0.77 12.28 -1.97
C LEU A 204 1.45 13.22 -0.98
N ASP A 205 2.70 12.90 -0.62
CA ASP A 205 3.46 13.76 0.30
C ASP A 205 4.64 14.46 -0.37
N HIS A 206 4.71 14.44 -1.70
CA HIS A 206 5.72 15.22 -2.42
C HIS A 206 5.50 16.70 -2.08
N PRO A 207 6.58 17.41 -1.66
CA PRO A 207 6.42 18.81 -1.21
C PRO A 207 5.91 19.79 -2.27
N ALA A 208 6.25 19.56 -3.53
CA ALA A 208 5.77 20.43 -4.61
C ALA A 208 4.25 20.26 -4.77
N VAL A 209 3.80 19.01 -4.60
CA VAL A 209 2.37 18.67 -4.70
C VAL A 209 1.60 19.24 -3.50
N THR A 210 2.13 19.05 -2.30
CA THR A 210 1.42 19.55 -1.11
C THR A 210 1.36 21.08 -1.07
N ALA A 211 2.39 21.77 -1.56
CA ALA A 211 2.37 23.25 -1.62
C ALA A 211 1.24 23.75 -2.53
N ILE A 212 1.09 23.09 -3.67
CA ILE A 212 0.05 23.44 -4.64
C ILE A 212 -1.36 23.10 -4.09
N ALA A 213 -1.49 21.97 -3.42
CA ALA A 213 -2.76 21.61 -2.78
C ALA A 213 -3.15 22.68 -1.74
N GLU A 214 -2.17 23.04 -0.90
CA GLU A 214 -2.40 24.04 0.17
C GLU A 214 -2.76 25.40 -0.43
N ALA A 215 -2.15 25.74 -1.56
CA ALA A 215 -2.42 26.99 -2.30
C ALA A 215 -3.87 27.06 -2.75
N HIS A 216 -4.42 25.93 -3.22
CA HIS A 216 -5.79 25.84 -3.72
C HIS A 216 -6.86 25.51 -2.69
N GLY A 217 -6.46 25.12 -1.49
CA GLY A 217 -7.46 24.55 -0.57
C GLY A 217 -8.01 23.19 -1.04
N ARG A 218 -7.16 22.41 -1.72
CA ARG A 218 -7.54 21.08 -2.20
C ARG A 218 -6.59 20.01 -1.66
N THR A 219 -6.88 18.74 -1.95
CA THR A 219 -5.97 17.67 -1.47
C THR A 219 -4.82 17.39 -2.47
N ALA A 220 -3.75 16.76 -1.99
CA ALA A 220 -2.67 16.32 -2.89
C ALA A 220 -3.20 15.39 -4.01
N ALA A 221 -4.08 14.45 -3.67
CA ALA A 221 -4.63 13.57 -4.67
C ALA A 221 -5.40 14.36 -5.72
N GLN A 222 -6.19 15.33 -5.27
CA GLN A 222 -6.91 16.16 -6.26
C GLN A 222 -5.94 16.87 -7.17
N VAL A 223 -4.84 17.37 -6.62
CA VAL A 223 -3.84 18.07 -7.46
C VAL A 223 -3.22 17.12 -8.52
N LEU A 224 -2.84 15.94 -8.08
CA LEU A 224 -2.21 14.96 -8.98
C LEU A 224 -3.17 14.54 -10.13
N LEU A 225 -4.45 14.36 -9.79
CA LEU A 225 -5.42 13.94 -10.82
C LEU A 225 -5.76 15.11 -11.73
N ARG A 226 -5.94 16.31 -11.15
CA ARG A 226 -6.23 17.50 -11.97
C ARG A 226 -5.10 17.83 -12.97
N TRP A 227 -3.85 17.71 -12.52
CA TRP A 227 -2.72 17.94 -13.40
C TRP A 227 -2.83 17.03 -14.61
N SER A 228 -3.09 15.74 -14.39
CA SER A 228 -3.20 14.78 -15.49
C SER A 228 -4.35 15.10 -16.45
N ILE A 229 -5.51 15.47 -15.88
CA ILE A 229 -6.63 15.91 -16.72
C ILE A 229 -6.20 17.11 -17.61
N GLN A 230 -5.43 18.03 -17.04
CA GLN A 230 -5.04 19.25 -17.78
C GLN A 230 -4.00 18.98 -18.86
N LEU A 231 -3.29 17.85 -18.77
CA LEU A 231 -2.42 17.40 -19.85
C LEU A 231 -3.21 16.85 -21.04
N GLY A 232 -4.52 16.65 -20.86
CA GLY A 232 -5.35 16.06 -21.93
C GLY A 232 -5.54 14.54 -21.79
N ASN A 233 -5.11 13.95 -20.68
CA ASN A 233 -5.23 12.49 -20.49
C ASN A 233 -6.62 12.09 -20.06
N VAL A 234 -7.00 10.85 -20.40
CA VAL A 234 -8.01 10.08 -19.67
C VAL A 234 -7.28 9.48 -18.47
N VAL A 235 -7.84 9.65 -17.29
CA VAL A 235 -7.14 9.32 -16.05
C VAL A 235 -7.79 8.15 -15.31
N ILE A 236 -7.03 7.07 -15.12
CA ILE A 236 -7.49 5.90 -14.37
C ILE A 236 -6.90 5.91 -12.96
N SER A 237 -7.74 6.08 -11.95
CA SER A 237 -7.28 6.07 -10.55
C SER A 237 -7.83 4.89 -9.77
N ARG A 238 -7.36 4.71 -8.54
CA ARG A 238 -7.86 3.63 -7.71
C ARG A 238 -7.84 4.02 -6.23
N SER A 239 -8.89 3.59 -5.54
CA SER A 239 -8.90 3.55 -4.08
C SER A 239 -9.79 2.39 -3.69
N ALA A 240 -9.53 1.83 -2.50
CA ALA A 240 -10.36 0.76 -1.94
C ALA A 240 -11.42 1.33 -0.99
N ASN A 241 -11.39 2.65 -0.80
CA ASN A 241 -12.24 3.32 0.19
C ASN A 241 -13.34 4.11 -0.51
N PRO A 242 -14.62 3.81 -0.19
CA PRO A 242 -15.77 4.47 -0.84
C PRO A 242 -15.73 6.01 -0.84
N GLU A 243 -15.30 6.62 0.28
CA GLU A 243 -15.21 8.09 0.35
C GLU A 243 -14.07 8.65 -0.49
N ARG A 244 -12.90 7.99 -0.45
CA ARG A 244 -11.79 8.48 -1.26
C ARG A 244 -12.08 8.26 -2.74
N ILE A 245 -12.78 7.17 -3.07
CA ILE A 245 -13.23 6.93 -4.46
C ILE A 245 -14.06 8.13 -4.90
N ALA A 246 -15.05 8.53 -4.09
CA ALA A 246 -15.85 9.69 -4.44
C ALA A 246 -14.99 10.98 -4.57
N SER A 247 -13.99 11.14 -3.69
CA SER A 247 -13.14 12.35 -3.71
C SER A 247 -12.33 12.40 -5.02
N ASN A 248 -11.99 11.23 -5.56
CA ASN A 248 -11.14 11.14 -6.76
C ASN A 248 -11.87 11.53 -8.03
N LEU A 249 -13.20 11.48 -7.97
CA LEU A 249 -14.05 11.91 -9.05
C LEU A 249 -14.23 13.44 -9.02
N ASP A 250 -13.96 14.03 -7.84
CA ASP A 250 -14.26 15.45 -7.59
C ASP A 250 -13.09 16.38 -7.96
N VAL A 251 -12.77 16.40 -9.26
CA VAL A 251 -11.61 17.11 -9.75
C VAL A 251 -11.95 18.06 -10.90
N PHE A 252 -13.20 18.50 -10.91
CA PHE A 252 -13.64 19.46 -11.93
C PHE A 252 -14.05 20.80 -11.34
N GLY A 253 -13.84 20.98 -10.04
CA GLY A 253 -14.21 22.23 -9.33
C GLY A 253 -13.16 23.33 -9.28
N PHE A 254 -11.96 23.05 -9.79
CA PHE A 254 -10.86 24.00 -9.82
C PHE A 254 -9.92 23.67 -10.99
N GLU A 255 -9.00 24.57 -11.27
CA GLU A 255 -7.98 24.45 -12.33
C GLU A 255 -6.62 24.84 -11.74
N LEU A 256 -5.59 24.06 -12.05
CA LEU A 256 -4.21 24.46 -11.73
C LEU A 256 -3.76 25.60 -12.67
N THR A 257 -2.96 26.52 -12.13
CA THR A 257 -2.42 27.60 -12.97
C THR A 257 -1.27 27.13 -13.88
N ALA A 258 -0.89 27.94 -14.88
CA ALA A 258 0.24 27.56 -15.71
C ALA A 258 1.55 27.41 -14.90
N ASP A 259 1.76 28.30 -13.92
CA ASP A 259 2.93 28.21 -13.00
C ASP A 259 2.94 26.85 -12.31
N GLU A 260 1.77 26.44 -11.82
CA GLU A 260 1.65 25.15 -11.10
C GLU A 260 1.80 23.94 -12.05
N MET A 261 1.19 24.02 -13.23
CA MET A 261 1.46 23.02 -14.26
C MET A 261 2.95 22.92 -14.54
N GLU A 262 3.63 24.08 -14.64
CA GLU A 262 5.06 24.06 -14.95
C GLU A 262 5.88 23.41 -13.85
N THR A 263 5.54 23.72 -12.60
CA THR A 263 6.22 23.10 -11.46
C THR A 263 6.08 21.57 -11.48
N LEU A 264 4.86 21.11 -11.70
CA LEU A 264 4.61 19.67 -11.75
C LEU A 264 5.24 19.03 -12.99
N ASN A 265 5.32 19.76 -14.10
CA ASN A 265 5.95 19.27 -15.33
C ASN A 265 7.48 19.16 -15.19
N GLY A 266 8.00 19.75 -14.11
CA GLY A 266 9.43 19.86 -13.90
C GLY A 266 10.00 18.76 -13.03
N LEU A 267 9.15 17.81 -12.64
CA LEU A 267 9.54 16.81 -11.66
C LEU A 267 9.99 15.47 -12.28
N ASP A 268 9.91 15.34 -13.60
CA ASP A 268 10.20 14.05 -14.26
C ASP A 268 11.63 13.58 -13.96
N ASP A 269 11.74 12.34 -13.46
CA ASP A 269 13.05 11.69 -13.21
C ASP A 269 13.10 10.22 -13.64
N GLY A 270 12.07 9.81 -14.40
CA GLY A 270 11.99 8.46 -14.97
C GLY A 270 11.56 7.36 -14.03
N THR A 271 11.07 7.71 -12.85
CA THR A 271 10.63 6.72 -11.86
C THR A 271 9.38 5.99 -12.34
N ARG A 272 9.51 4.66 -12.48
CA ARG A 272 8.39 3.76 -12.77
C ARG A 272 8.07 2.92 -11.53
N PHE A 273 6.84 3.00 -11.05
CA PHE A 273 6.38 2.12 -9.98
C PHE A 273 5.79 0.82 -10.53
N ARG A 274 5.49 0.82 -11.82
CA ARG A 274 5.01 -0.38 -12.51
C ARG A 274 6.12 -0.86 -13.47
N PRO A 275 6.00 -2.07 -14.05
CA PRO A 275 7.12 -2.54 -14.88
C PRO A 275 7.46 -1.68 -16.11
N ASP A 276 8.69 -1.84 -16.59
CA ASP A 276 9.15 -1.16 -17.81
C ASP A 276 8.82 -1.98 -19.06
N PRO A 277 7.93 -1.46 -19.92
CA PRO A 277 7.49 -2.24 -21.10
C PRO A 277 8.59 -2.54 -22.14
N ALA A 278 9.70 -1.81 -22.08
CA ALA A 278 10.85 -2.05 -22.94
C ALA A 278 11.46 -3.44 -22.66
N THR A 279 11.40 -3.85 -21.39
CA THR A 279 12.01 -5.08 -20.89
C THR A 279 10.96 -6.17 -20.55
N TYR A 280 9.94 -5.78 -19.78
CA TYR A 280 8.91 -6.67 -19.22
C TYR A 280 8.28 -7.65 -20.23
N THR A 281 8.22 -8.92 -19.86
CA THR A 281 7.65 -9.95 -20.74
C THR A 281 6.45 -10.65 -20.08
N GLY A 282 6.03 -10.13 -18.92
CA GLY A 282 4.86 -10.64 -18.22
C GLY A 282 3.57 -9.92 -18.62
N SER A 283 2.60 -9.93 -17.70
CA SER A 283 1.29 -9.34 -17.93
C SER A 283 0.72 -8.74 -16.62
N ALA B 10 10.00 -22.02 17.29
CA ALA B 10 11.48 -22.17 17.52
C ALA B 10 12.17 -20.81 17.58
N ILE B 11 11.40 -19.76 17.83
CA ILE B 11 11.91 -18.40 17.69
C ILE B 11 12.56 -17.86 18.97
N PRO B 12 13.76 -17.22 18.84
CA PRO B 12 14.48 -16.65 19.97
C PRO B 12 13.64 -15.63 20.75
N THR B 13 14.05 -15.39 21.99
CA THR B 13 13.40 -14.39 22.83
C THR B 13 14.39 -13.34 23.35
N VAL B 14 13.86 -12.26 23.93
CA VAL B 14 14.65 -11.29 24.66
C VAL B 14 14.09 -11.19 26.06
N THR B 15 14.96 -10.90 27.02
CA THR B 15 14.54 -10.72 28.39
C THR B 15 14.45 -9.23 28.68
N LEU B 16 13.33 -8.81 29.29
CA LEU B 16 13.10 -7.40 29.62
C LEU B 16 13.62 -7.05 31.02
N ASN B 17 13.70 -5.76 31.33
CA ASN B 17 14.21 -5.29 32.63
C ASN B 17 13.30 -5.55 33.85
N ASP B 18 12.13 -6.13 33.59
CA ASP B 18 11.21 -6.49 34.65
C ASP B 18 11.14 -8.02 34.78
N ASP B 19 12.09 -8.71 34.13
CA ASP B 19 12.23 -10.19 34.17
C ASP B 19 11.27 -10.96 33.25
N ASN B 20 10.38 -10.26 32.55
CA ASN B 20 9.53 -10.92 31.54
C ASN B 20 10.25 -11.12 30.20
N THR B 21 9.74 -12.02 29.35
CA THR B 21 10.41 -12.30 28.08
C THR B 21 9.46 -12.06 26.91
N LEU B 22 10.00 -11.74 25.73
CA LEU B 22 9.19 -11.57 24.51
C LEU B 22 9.85 -12.26 23.32
N PRO B 23 9.05 -12.82 22.40
CA PRO B 23 9.63 -13.27 21.12
C PRO B 23 10.33 -12.12 20.39
N VAL B 24 11.37 -12.41 19.63
CA VAL B 24 12.08 -11.36 18.87
C VAL B 24 11.40 -10.95 17.57
N VAL B 25 10.33 -11.65 17.17
CA VAL B 25 9.53 -11.22 16.02
C VAL B 25 8.04 -11.30 16.34
N GLY B 26 7.27 -10.32 15.87
CA GLY B 26 5.81 -10.31 16.04
C GLY B 26 5.10 -9.74 14.82
N ILE B 27 3.77 -9.86 14.79
CA ILE B 27 2.98 -9.24 13.75
C ILE B 27 2.23 -8.04 14.33
N GLY B 28 2.24 -6.92 13.60
CA GLY B 28 1.49 -5.73 14.00
C GLY B 28 0.38 -5.54 13.00
N VAL B 29 -0.79 -5.10 13.43
CA VAL B 29 -1.90 -4.95 12.51
C VAL B 29 -2.13 -3.51 12.08
N GLY B 30 -1.52 -2.54 12.76
CA GLY B 30 -1.69 -1.14 12.37
C GLY B 30 -3.16 -0.80 12.15
N GLU B 31 -3.45 0.02 11.13
CA GLU B 31 -4.82 0.46 10.88
C GLU B 31 -5.61 -0.42 9.89
N LEU B 32 -5.34 -1.72 9.87
CA LEU B 32 -6.17 -2.67 9.13
C LEU B 32 -7.63 -2.63 9.61
N SER B 33 -8.58 -2.83 8.68
CA SER B 33 -10.01 -2.94 9.05
C SER B 33 -10.27 -4.15 9.95
N ASP B 34 -11.42 -4.18 10.61
CA ASP B 34 -11.78 -5.30 11.49
C ASP B 34 -11.59 -6.66 10.78
N SER B 35 -12.22 -6.85 9.62
CA SER B 35 -12.03 -8.09 8.85
C SER B 35 -10.57 -8.43 8.52
N GLU B 36 -9.80 -7.45 8.07
CA GLU B 36 -8.41 -7.66 7.66
C GLU B 36 -7.50 -8.02 8.84
N ALA B 37 -7.72 -7.36 9.97
CA ALA B 37 -6.92 -7.57 11.17
C ALA B 37 -7.19 -8.97 11.70
N GLU B 38 -8.46 -9.37 11.74
CA GLU B 38 -8.81 -10.71 12.19
CA GLU B 38 -8.82 -10.71 12.18
C GLU B 38 -8.16 -11.76 11.27
N ARG B 39 -8.22 -11.54 9.95
CA ARG B 39 -7.59 -12.47 9.00
C ARG B 39 -6.07 -12.65 9.16
N SER B 40 -5.32 -11.54 9.27
CA SER B 40 -3.86 -11.62 9.40
C SER B 40 -3.41 -12.22 10.75
N VAL B 41 -4.11 -11.87 11.83
CA VAL B 41 -3.74 -12.43 13.13
C VAL B 41 -4.01 -13.94 13.15
N SER B 42 -5.16 -14.36 12.62
CA SER B 42 -5.43 -15.79 12.53
C SER B 42 -4.36 -16.50 11.71
N ALA B 43 -4.04 -15.93 10.53
CA ALA B 43 -2.97 -16.49 9.71
C ALA B 43 -1.62 -16.54 10.41
N ALA B 44 -1.26 -15.44 11.09
CA ALA B 44 -0.02 -15.41 11.84
C ALA B 44 0.08 -16.47 12.92
N LEU B 45 -0.98 -16.63 13.71
CA LEU B 45 -0.97 -17.61 14.80
C LEU B 45 -0.80 -19.02 14.22
N GLU B 46 -1.55 -19.29 13.15
CA GLU B 46 -1.42 -20.56 12.42
C GLU B 46 0.02 -20.81 11.95
N ALA B 47 0.67 -19.77 11.44
CA ALA B 47 2.06 -19.85 10.96
C ALA B 47 3.10 -20.01 12.07
N GLY B 48 2.72 -19.71 13.31
CA GLY B 48 3.67 -19.81 14.42
C GLY B 48 4.09 -18.51 15.13
N TYR B 49 3.54 -17.37 14.69
CA TYR B 49 3.70 -16.12 15.45
C TYR B 49 3.03 -16.25 16.82
N ARG B 50 3.63 -15.66 17.85
CA ARG B 50 2.98 -15.61 19.17
C ARG B 50 2.91 -14.18 19.72
N LEU B 51 3.76 -13.30 19.19
CA LEU B 51 3.71 -11.87 19.55
C LEU B 51 2.80 -11.11 18.59
N ILE B 52 1.73 -10.54 19.15
CA ILE B 52 0.71 -9.82 18.38
C ILE B 52 0.63 -8.37 18.87
N ASP B 53 0.72 -7.42 17.96
CA ASP B 53 0.74 -5.99 18.31
C ASP B 53 -0.44 -5.22 17.69
N THR B 54 -1.22 -4.57 18.55
CA THR B 54 -2.37 -3.75 18.13
C THR B 54 -2.37 -2.46 18.95
N ALA B 55 -3.43 -1.66 18.85
CA ALA B 55 -3.53 -0.39 19.59
C ALA B 55 -4.96 0.12 19.61
N ALA B 56 -5.32 0.82 20.69
CA ALA B 56 -6.72 1.33 20.84
C ALA B 56 -7.02 2.30 19.69
N ALA B 57 -6.00 3.08 19.31
CA ALA B 57 -6.12 4.07 18.24
C ALA B 57 -6.37 3.45 16.87
N TYR B 58 -6.10 2.15 16.71
CA TYR B 58 -6.30 1.48 15.42
C TYR B 58 -7.77 1.07 15.24
N GLY B 59 -8.49 0.97 16.35
CA GLY B 59 -9.91 0.61 16.34
C GLY B 59 -10.21 -0.85 16.06
N ASN B 60 -9.15 -1.67 15.95
CA ASN B 60 -9.32 -3.10 15.60
C ASN B 60 -9.01 -4.13 16.70
N GLU B 61 -8.95 -3.67 17.95
CA GLU B 61 -8.66 -4.56 19.10
C GLU B 61 -9.64 -5.72 19.20
N ALA B 62 -10.94 -5.43 19.09
CA ALA B 62 -11.94 -6.49 19.19
C ALA B 62 -11.71 -7.54 18.09
N ALA B 63 -11.40 -7.08 16.88
CA ALA B 63 -11.15 -7.98 15.74
C ALA B 63 -9.97 -8.91 16.03
N VAL B 64 -8.87 -8.34 16.55
CA VAL B 64 -7.71 -9.12 17.01
C VAL B 64 -8.08 -10.13 18.09
N GLY B 65 -8.90 -9.68 19.05
CA GLY B 65 -9.40 -10.56 20.13
C GLY B 65 -10.21 -11.75 19.61
N ARG B 66 -10.97 -11.51 18.55
CA ARG B 66 -11.75 -12.63 17.97
C ARG B 66 -10.82 -13.66 17.31
N ALA B 67 -9.74 -13.20 16.67
CA ALA B 67 -8.75 -14.10 16.05
C ALA B 67 -8.07 -14.95 17.12
N ILE B 68 -7.74 -14.31 18.25
CA ILE B 68 -7.13 -14.99 19.36
C ILE B 68 -8.07 -16.05 19.94
N ALA B 69 -9.31 -15.63 20.22
CA ALA B 69 -10.34 -16.52 20.79
C ALA B 69 -10.58 -17.77 19.94
N ALA B 70 -10.56 -17.60 18.62
CA ALA B 70 -10.90 -18.68 17.67
C ALA B 70 -9.70 -19.58 17.38
N SER B 71 -8.51 -19.19 17.86
CA SER B 71 -7.28 -19.87 17.49
C SER B 71 -7.08 -21.27 18.12
N GLY B 72 -7.69 -21.53 19.26
CA GLY B 72 -7.45 -22.78 19.98
C GLY B 72 -6.07 -22.88 20.62
N ILE B 73 -5.36 -21.75 20.70
CA ILE B 73 -4.05 -21.74 21.36
C ILE B 73 -4.20 -21.25 22.82
N PRO B 74 -3.63 -21.98 23.80
CA PRO B 74 -3.69 -21.52 25.20
C PRO B 74 -3.20 -20.07 25.37
N ARG B 75 -3.97 -19.30 26.12
CA ARG B 75 -3.66 -17.87 26.38
C ARG B 75 -2.21 -17.64 26.80
N ASP B 76 -1.69 -18.51 27.67
CA ASP B 76 -0.32 -18.38 28.24
C ASP B 76 0.81 -18.38 27.21
N GLU B 77 0.53 -18.92 26.02
CA GLU B 77 1.49 -19.05 24.93
C GLU B 77 1.51 -17.84 24.00
N ILE B 78 0.57 -16.93 24.19
CA ILE B 78 0.39 -15.80 23.27
C ILE B 78 0.82 -14.52 23.99
N TYR B 79 1.48 -13.62 23.27
CA TYR B 79 1.98 -12.36 23.84
C TYR B 79 1.28 -11.20 23.15
N VAL B 80 0.36 -10.55 23.87
CA VAL B 80 -0.47 -9.51 23.30
C VAL B 80 0.02 -8.12 23.73
N THR B 81 0.23 -7.26 22.75
CA THR B 81 0.63 -5.86 23.00
C THR B 81 -0.50 -4.95 22.56
N THR B 82 -0.87 -3.98 23.40
CA THR B 82 -1.71 -2.89 22.92
C THR B 82 -1.21 -1.55 23.47
N LYS B 83 -1.89 -0.46 23.13
CA LYS B 83 -1.32 0.87 23.35
C LYS B 83 -2.38 1.86 23.82
N LEU B 84 -1.92 2.84 24.63
CA LEU B 84 -2.75 3.92 25.15
C LEU B 84 -2.84 5.06 24.13
N ALA B 85 -4.05 5.30 23.61
CA ALA B 85 -4.27 6.35 22.62
C ALA B 85 -3.98 7.74 23.24
N THR B 86 -3.41 8.64 22.46
CA THR B 86 -3.03 9.97 22.99
C THR B 86 -4.22 10.72 23.65
N PRO B 87 -5.40 10.73 23.02
CA PRO B 87 -6.54 11.38 23.70
C PRO B 87 -6.90 10.85 25.09
N ASP B 88 -6.43 9.64 25.42
CA ASP B 88 -6.76 8.97 26.66
C ASP B 88 -5.66 9.15 27.71
N GLN B 89 -4.63 9.94 27.39
CA GLN B 89 -3.54 10.19 28.32
C GLN B 89 -3.99 10.86 29.63
N GLY B 90 -3.31 10.49 30.70
CA GLY B 90 -3.68 10.90 32.04
C GLY B 90 -3.43 9.81 33.06
N PHE B 91 -3.26 10.17 34.33
CA PHE B 91 -3.07 9.19 35.39
C PHE B 91 -4.31 8.29 35.56
N THR B 92 -5.46 8.92 35.82
CA THR B 92 -6.68 8.16 36.03
C THR B 92 -7.25 7.60 34.72
N SER B 93 -7.23 8.41 33.66
CA SER B 93 -7.77 8.03 32.35
C SER B 93 -7.02 6.88 31.69
N SER B 94 -5.70 6.82 31.88
CA SER B 94 -4.90 5.69 31.34
C SER B 94 -5.31 4.34 31.95
N GLN B 95 -5.65 4.33 33.24
CA GLN B 95 -5.99 3.08 33.92
C GLN B 95 -7.35 2.58 33.43
N ALA B 96 -8.26 3.51 33.22
CA ALA B 96 -9.56 3.17 32.62
C ALA B 96 -9.39 2.63 31.17
N ALA B 97 -8.54 3.30 30.40
CA ALA B 97 -8.30 2.97 28.99
C ALA B 97 -7.67 1.58 28.81
N ALA B 98 -6.73 1.22 29.70
CA ALA B 98 -6.17 -0.16 29.70
C ALA B 98 -7.26 -1.20 29.92
N ARG B 99 -8.17 -0.93 30.88
CA ARG B 99 -9.29 -1.81 31.18
C ARG B 99 -10.28 -1.87 30.02
N ALA B 100 -10.53 -0.75 29.36
CA ALA B 100 -11.43 -0.73 28.18
C ALA B 100 -10.81 -1.57 27.06
N SER B 101 -9.50 -1.43 26.86
CA SER B 101 -8.80 -2.29 25.89
C SER B 101 -8.96 -3.78 26.18
N LEU B 102 -8.92 -4.18 27.45
CA LEU B 102 -9.03 -5.58 27.80
C LEU B 102 -10.43 -6.05 27.41
N GLU B 103 -11.43 -5.22 27.69
CA GLU B 103 -12.83 -5.57 27.38
C GLU B 103 -12.99 -5.77 25.89
N ARG B 104 -12.45 -4.85 25.09
CA ARG B 104 -12.53 -5.00 23.64
C ARG B 104 -11.82 -6.26 23.16
N LEU B 105 -10.63 -6.52 23.72
CA LEU B 105 -9.85 -7.70 23.33
C LEU B 105 -10.46 -9.02 23.80
N GLY B 106 -11.37 -8.94 24.77
CA GLY B 106 -11.88 -10.14 25.46
C GLY B 106 -10.83 -10.86 26.28
N LEU B 107 -9.88 -10.11 26.85
CA LEU B 107 -8.81 -10.71 27.65
C LEU B 107 -8.83 -10.25 29.11
N ASP B 108 -8.20 -11.02 29.99
CA ASP B 108 -8.05 -10.65 31.41
C ASP B 108 -6.77 -9.84 31.70
N TYR B 109 -5.82 -9.92 30.76
CA TYR B 109 -4.57 -9.15 30.85
C TYR B 109 -3.97 -9.01 29.47
N VAL B 110 -3.08 -8.03 29.31
CA VAL B 110 -2.19 -7.97 28.17
C VAL B 110 -0.75 -8.17 28.61
N ASP B 111 0.08 -8.63 27.69
CA ASP B 111 1.49 -8.87 28.01
C ASP B 111 2.35 -7.63 28.01
N LEU B 112 1.99 -6.67 27.15
CA LEU B 112 2.75 -5.43 27.04
C LEU B 112 1.78 -4.30 26.77
N TYR B 113 1.90 -3.20 27.53
CA TYR B 113 1.00 -2.05 27.32
C TYR B 113 1.88 -0.80 27.16
N LEU B 114 1.71 -0.07 26.07
CA LEU B 114 2.62 1.03 25.70
C LEU B 114 1.92 2.38 25.62
N ILE B 115 2.60 3.44 26.09
CA ILE B 115 2.18 4.80 25.70
C ILE B 115 2.42 4.95 24.20
N HIS B 116 1.36 5.26 23.43
CA HIS B 116 1.48 5.24 21.95
C HIS B 116 2.39 6.35 21.39
N TRP B 117 2.27 7.55 21.94
CA TRP B 117 3.10 8.70 21.52
C TRP B 117 3.36 9.60 22.72
N PRO B 118 4.54 10.25 22.77
CA PRO B 118 4.74 11.24 23.85
C PRO B 118 3.63 12.30 23.80
N GLY B 119 3.25 12.68 22.58
CA GLY B 119 2.26 13.73 22.37
C GLY B 119 2.86 15.07 22.77
N GLY B 120 2.09 16.14 22.64
CA GLY B 120 2.69 17.44 22.92
C GLY B 120 2.63 17.93 24.36
N ASP B 121 2.78 17.05 25.35
CA ASP B 121 2.53 17.46 26.75
C ASP B 121 3.24 16.59 27.78
N THR B 122 4.35 17.10 28.28
CA THR B 122 5.23 16.39 29.22
C THR B 122 4.55 15.98 30.53
N SER B 123 3.78 16.89 31.13
CA SER B 123 2.96 16.55 32.29
C SER B 123 2.05 15.36 32.04
N LYS B 124 1.39 15.35 30.89
CA LYS B 124 0.39 14.31 30.64
C LYS B 124 1.03 12.95 30.46
N TYR B 125 2.15 12.90 29.73
CA TYR B 125 2.77 11.58 29.51
C TYR B 125 3.46 11.08 30.78
N VAL B 126 3.96 12.00 31.62
CA VAL B 126 4.45 11.57 32.95
C VAL B 126 3.32 10.99 33.81
N ASP B 127 2.18 11.67 33.82
CA ASP B 127 1.03 11.16 34.56
C ASP B 127 0.56 9.81 33.99
N SER B 128 0.56 9.71 32.66
CA SER B 128 0.21 8.46 31.98
C SER B 128 1.12 7.32 32.46
N TRP B 129 2.42 7.61 32.55
CA TRP B 129 3.41 6.63 33.02
C TRP B 129 3.10 6.17 34.45
N GLY B 130 2.73 7.11 35.32
CA GLY B 130 2.29 6.74 36.68
C GLY B 130 1.08 5.82 36.68
N GLY B 131 0.11 6.14 35.81
CA GLY B 131 -1.08 5.31 35.61
C GLY B 131 -0.69 3.91 35.13
N LEU B 132 0.19 3.85 34.12
CA LEU B 132 0.69 2.56 33.64
C LEU B 132 1.38 1.72 34.73
N MET B 133 2.09 2.39 35.64
CA MET B 133 2.69 1.68 36.77
C MET B 133 1.63 0.99 37.64
N LYS B 134 0.50 1.66 37.85
CA LYS B 134 -0.63 1.04 38.56
C LYS B 134 -1.30 -0.08 37.77
N VAL B 135 -1.38 0.10 36.45
CA VAL B 135 -1.86 -0.95 35.55
C VAL B 135 -1.03 -2.23 35.70
N LYS B 136 0.30 -2.08 35.74
CA LYS B 136 1.18 -3.24 35.95
C LYS B 136 1.00 -3.82 37.37
N GLU B 137 0.96 -2.94 38.38
CA GLU B 137 0.83 -3.39 39.78
C GLU B 137 -0.45 -4.21 39.94
N ASP B 138 -1.51 -3.75 39.30
CA ASP B 138 -2.81 -4.40 39.30
C ASP B 138 -2.90 -5.70 38.48
N GLY B 139 -1.85 -6.04 37.73
CA GLY B 139 -1.85 -7.26 36.89
C GLY B 139 -2.62 -7.16 35.57
N ILE B 140 -3.06 -5.95 35.21
CA ILE B 140 -3.74 -5.69 33.95
C ILE B 140 -2.77 -5.84 32.75
N ALA B 141 -1.54 -5.36 32.94
CA ALA B 141 -0.45 -5.55 31.95
C ALA B 141 0.80 -6.16 32.61
N ARG B 142 1.39 -7.17 31.98
CA ARG B 142 2.56 -7.83 32.55
C ARG B 142 3.77 -6.91 32.54
N SER B 143 3.93 -6.23 31.41
CA SER B 143 5.02 -5.25 31.22
C SER B 143 4.46 -3.95 30.66
N ILE B 144 5.17 -2.86 30.96
CA ILE B 144 4.78 -1.52 30.44
C ILE B 144 5.95 -0.86 29.75
N GLY B 145 5.63 -0.08 28.72
CA GLY B 145 6.67 0.56 27.93
C GLY B 145 6.12 1.73 27.15
N VAL B 146 6.91 2.19 26.19
CA VAL B 146 6.57 3.40 25.45
C VAL B 146 6.79 3.19 23.96
N CYS B 147 6.20 4.06 23.14
CA CYS B 147 6.46 4.10 21.70
C CYS B 147 6.84 5.49 21.27
N ASN B 148 7.80 5.58 20.34
CA ASN B 148 8.14 6.84 19.68
C ASN B 148 8.66 7.86 20.71
N PHE B 149 9.30 7.36 21.76
CA PHE B 149 9.98 8.26 22.70
C PHE B 149 11.43 8.58 22.27
N GLY B 150 11.74 9.88 22.19
CA GLY B 150 13.13 10.34 22.05
C GLY B 150 13.95 10.33 23.33
N ALA B 151 15.25 10.61 23.20
CA ALA B 151 16.16 10.55 24.34
C ALA B 151 15.72 11.48 25.49
N GLU B 152 15.26 12.67 25.13
CA GLU B 152 14.81 13.64 26.15
C GLU B 152 13.56 13.15 26.89
N ASP B 153 12.60 12.59 26.14
CA ASP B 153 11.36 12.07 26.74
C ASP B 153 11.69 10.95 27.70
N LEU B 154 12.58 10.04 27.29
CA LEU B 154 13.01 8.94 28.17
C LEU B 154 13.66 9.49 29.44
N GLU B 155 14.54 10.47 29.31
CA GLU B 155 15.21 11.04 30.47
C GLU B 155 14.20 11.62 31.45
N THR B 156 13.15 12.25 30.90
CA THR B 156 12.09 12.80 31.72
C THR B 156 11.33 11.75 32.51
N ILE B 157 10.83 10.70 31.86
CA ILE B 157 10.06 9.70 32.62
C ILE B 157 10.93 8.98 33.65
N VAL B 158 12.17 8.67 33.28
CA VAL B 158 13.07 7.92 34.18
C VAL B 158 13.51 8.77 35.38
N SER B 159 13.94 10.00 35.11
CA SER B 159 14.36 10.91 36.19
C SER B 159 13.23 11.27 37.18
N LEU B 160 12.00 11.40 36.67
CA LEU B 160 10.89 11.82 37.52
C LEU B 160 10.22 10.67 38.27
N THR B 161 10.16 9.47 37.66
CA THR B 161 9.39 8.37 38.24
C THR B 161 10.26 7.25 38.77
N TYR B 162 11.55 7.24 38.39
CA TYR B 162 12.51 6.17 38.73
C TYR B 162 12.04 4.79 38.27
N PHE B 163 11.19 4.75 37.23
CA PHE B 163 10.67 3.48 36.70
C PHE B 163 10.95 3.47 35.20
N THR B 164 11.77 2.52 34.76
CA THR B 164 12.25 2.49 33.38
C THR B 164 11.33 1.66 32.48
N PRO B 165 10.95 2.21 31.32
CA PRO B 165 10.13 1.42 30.38
C PRO B 165 10.82 0.11 30.03
N ALA B 166 10.03 -0.94 29.81
CA ALA B 166 10.63 -2.21 29.39
C ALA B 166 11.04 -2.21 27.94
N VAL B 167 10.27 -1.47 27.13
CA VAL B 167 10.43 -1.41 25.68
C VAL B 167 10.22 0.03 25.21
N ASN B 168 10.92 0.41 24.14
CA ASN B 168 10.66 1.64 23.41
C ASN B 168 10.49 1.19 21.96
N GLN B 169 9.24 1.29 21.48
CA GLN B 169 8.86 0.84 20.13
C GLN B 169 8.95 2.03 19.19
N ILE B 170 9.87 1.96 18.23
CA ILE B 170 10.19 3.09 17.35
C ILE B 170 10.25 2.68 15.88
N GLU B 171 9.90 3.58 14.96
CA GLU B 171 10.13 3.33 13.53
C GLU B 171 11.61 3.06 13.26
N LEU B 172 11.91 2.01 12.50
CA LEU B 172 13.30 1.65 12.31
C LEU B 172 13.43 0.77 11.06
N HIS B 173 14.29 1.23 10.17
CA HIS B 173 14.60 0.55 8.90
C HIS B 173 15.90 1.18 8.35
N PRO B 174 16.48 0.63 7.26
CA PRO B 174 17.78 1.23 6.83
C PRO B 174 17.79 2.74 6.48
N LEU B 175 16.66 3.34 6.11
CA LEU B 175 16.69 4.81 5.89
C LEU B 175 16.60 5.59 7.22
N LEU B 176 16.19 4.90 8.28
CA LEU B 176 16.05 5.49 9.63
C LEU B 176 16.52 4.43 10.64
N ASN B 177 17.84 4.22 10.76
CA ASN B 177 18.36 3.08 11.54
C ASN B 177 18.39 3.30 13.06
N GLN B 178 18.11 4.53 13.50
CA GLN B 178 17.99 4.86 14.94
C GLN B 178 19.21 4.47 15.80
N ALA B 179 20.42 4.58 15.22
CA ALA B 179 21.62 4.19 15.96
C ALA B 179 21.75 4.94 17.29
N ALA B 180 21.56 6.26 17.26
CA ALA B 180 21.69 7.07 18.45
C ALA B 180 20.66 6.65 19.51
N LEU B 181 19.40 6.47 19.11
CA LEU B 181 18.34 6.16 20.07
C LEU B 181 18.45 4.72 20.56
N ARG B 182 18.90 3.80 19.69
CA ARG B 182 19.23 2.43 20.13
C ARG B 182 20.28 2.43 21.26
N GLU B 183 21.30 3.29 21.15
CA GLU B 183 22.33 3.42 22.17
C GLU B 183 21.74 3.93 23.50
N VAL B 184 20.83 4.91 23.42
CA VAL B 184 20.17 5.45 24.61
C VAL B 184 19.30 4.38 25.25
N ASN B 185 18.48 3.72 24.43
CA ASN B 185 17.68 2.60 24.96
C ASN B 185 18.56 1.59 25.68
N ALA B 186 19.63 1.15 25.03
CA ALA B 186 20.47 0.11 25.65
C ALA B 186 21.06 0.59 26.98
N GLY B 187 21.44 1.87 27.03
CA GLY B 187 21.96 2.48 28.25
C GLY B 187 21.03 2.42 29.46
N TYR B 188 19.73 2.52 29.19
CA TYR B 188 18.70 2.44 30.23
C TYR B 188 18.23 1.02 30.46
N ASN B 189 18.78 0.06 29.70
CA ASN B 189 18.34 -1.35 29.69
CA ASN B 189 18.32 -1.34 29.73
C ASN B 189 16.89 -1.49 29.20
N ILE B 190 16.57 -0.70 28.18
CA ILE B 190 15.26 -0.73 27.48
C ILE B 190 15.47 -1.49 26.17
N VAL B 191 14.59 -2.47 25.89
CA VAL B 191 14.60 -3.17 24.62
C VAL B 191 14.03 -2.30 23.50
N THR B 192 14.76 -2.25 22.39
CA THR B 192 14.26 -1.60 21.17
C THR B 192 13.33 -2.52 20.37
N GLU B 193 12.11 -2.05 20.09
CA GLU B 193 11.18 -2.77 19.22
C GLU B 193 11.06 -1.95 17.95
N ALA B 194 11.49 -2.53 16.83
CA ALA B 194 11.44 -1.81 15.55
C ALA B 194 10.09 -2.07 14.88
N TYR B 195 9.43 -1.00 14.44
CA TYR B 195 8.28 -1.13 13.53
C TYR B 195 8.53 -0.50 12.15
N GLY B 196 7.65 -0.81 11.20
CA GLY B 196 7.81 -0.36 9.83
C GLY B 196 9.10 -0.81 9.12
N PRO B 197 9.54 -2.07 9.35
CA PRO B 197 10.88 -2.52 8.85
C PRO B 197 11.01 -2.58 7.32
N LEU B 198 9.88 -2.61 6.61
CA LEU B 198 9.89 -2.65 5.13
C LEU B 198 9.69 -1.28 4.48
N GLY B 199 9.54 -0.22 5.30
CA GLY B 199 9.28 1.14 4.79
C GLY B 199 8.05 1.19 3.88
N VAL B 200 6.93 0.67 4.38
CA VAL B 200 5.67 0.53 3.63
C VAL B 200 5.83 -0.20 2.28
N GLY B 201 6.84 -1.06 2.22
CA GLY B 201 7.12 -1.83 1.04
C GLY B 201 8.05 -1.14 0.06
N ARG B 202 8.33 0.14 0.29
CA ARG B 202 9.14 0.91 -0.63
C ARG B 202 10.60 0.47 -0.63
N LEU B 203 11.02 -0.17 0.46
CA LEU B 203 12.41 -0.58 0.61
C LEU B 203 12.69 -1.92 -0.08
N LEU B 204 11.63 -2.62 -0.49
CA LEU B 204 11.75 -3.92 -1.12
C LEU B 204 12.50 -3.90 -2.44
N ASP B 205 12.54 -2.74 -3.10
CA ASP B 205 13.28 -2.62 -4.37
C ASP B 205 14.50 -1.69 -4.27
N HIS B 206 14.91 -1.36 -3.05
CA HIS B 206 16.13 -0.59 -2.88
C HIS B 206 17.28 -1.46 -3.43
N PRO B 207 18.11 -0.92 -4.35
CA PRO B 207 19.16 -1.77 -4.97
C PRO B 207 20.23 -2.35 -4.04
N ALA B 208 20.53 -1.67 -2.92
CA ALA B 208 21.45 -2.22 -1.94
C ALA B 208 20.85 -3.47 -1.28
N VAL B 209 19.55 -3.41 -1.03
CA VAL B 209 18.80 -4.52 -0.42
C VAL B 209 18.67 -5.69 -1.40
N THR B 210 18.28 -5.40 -2.63
CA THR B 210 18.14 -6.47 -3.62
C THR B 210 19.47 -7.15 -3.98
N ALA B 211 20.58 -6.40 -3.98
CA ALA B 211 21.88 -7.02 -4.24
C ALA B 211 22.25 -8.05 -3.16
N ILE B 212 21.98 -7.69 -1.90
CA ILE B 212 22.25 -8.56 -0.77
C ILE B 212 21.32 -9.79 -0.75
N ALA B 213 20.06 -9.59 -1.11
CA ALA B 213 19.12 -10.71 -1.24
C ALA B 213 19.62 -11.70 -2.29
N GLU B 214 19.97 -11.17 -3.46
CA GLU B 214 20.45 -11.99 -4.57
C GLU B 214 21.73 -12.76 -4.20
N ALA B 215 22.61 -12.09 -3.44
CA ALA B 215 23.86 -12.69 -2.94
C ALA B 215 23.55 -13.91 -2.08
N HIS B 216 22.52 -13.80 -1.23
CA HIS B 216 22.14 -14.87 -0.32
C HIS B 216 21.17 -15.91 -0.86
N GLY B 217 20.56 -15.65 -2.00
CA GLY B 217 19.44 -16.50 -2.44
C GLY B 217 18.19 -16.35 -1.54
N ARG B 218 18.01 -15.13 -1.00
CA ARG B 218 16.85 -14.82 -0.16
C ARG B 218 16.04 -13.66 -0.74
N THR B 219 14.93 -13.32 -0.11
CA THR B 219 14.11 -12.18 -0.61
C THR B 219 14.55 -10.85 0.03
N ALA B 220 14.22 -9.73 -0.62
CA ALA B 220 14.46 -8.41 -0.05
C ALA B 220 13.83 -8.27 1.35
N ALA B 221 12.59 -8.74 1.50
CA ALA B 221 11.92 -8.69 2.81
C ALA B 221 12.72 -9.44 3.86
N GLN B 222 13.19 -10.64 3.51
CA GLN B 222 13.96 -11.42 4.48
C GLN B 222 15.22 -10.67 4.88
N VAL B 223 15.88 -10.04 3.90
CA VAL B 223 17.10 -9.26 4.21
C VAL B 223 16.80 -8.10 5.19
N LEU B 224 15.72 -7.36 4.91
CA LEU B 224 15.36 -6.20 5.75
C LEU B 224 15.02 -6.62 7.21
N LEU B 225 14.30 -7.75 7.35
CA LEU B 225 13.93 -8.24 8.68
C LEU B 225 15.15 -8.81 9.38
N ARG B 226 15.97 -9.57 8.65
CA ARG B 226 17.20 -10.15 9.24
C ARG B 226 18.19 -9.08 9.73
N TRP B 227 18.35 -8.02 8.95
CA TRP B 227 19.23 -6.90 9.36
C TRP B 227 18.76 -6.38 10.72
N SER B 228 17.46 -6.15 10.86
CA SER B 228 16.91 -5.62 12.12
C SER B 228 17.12 -6.56 13.30
N ILE B 229 16.91 -7.85 13.07
CA ILE B 229 17.19 -8.86 14.11
C ILE B 229 18.66 -8.79 14.55
N GLN B 230 19.56 -8.62 13.58
CA GLN B 230 21.00 -8.59 13.86
C GLN B 230 21.45 -7.31 14.60
N LEU B 231 20.65 -6.25 14.54
CA LEU B 231 20.87 -5.07 15.39
C LEU B 231 20.48 -5.30 16.86
N GLY B 232 19.83 -6.44 17.14
CA GLY B 232 19.36 -6.72 18.49
C GLY B 232 17.93 -6.27 18.75
N ASN B 233 17.18 -5.88 17.70
CA ASN B 233 15.80 -5.43 17.88
C ASN B 233 14.83 -6.60 18.01
N VAL B 234 13.73 -6.33 18.70
CA VAL B 234 12.47 -7.09 18.50
C VAL B 234 11.81 -6.43 17.29
N VAL B 235 11.38 -7.24 16.34
CA VAL B 235 10.91 -6.72 15.04
C VAL B 235 9.43 -7.00 14.81
N ILE B 236 8.66 -5.94 14.63
CA ILE B 236 7.23 -6.05 14.33
C ILE B 236 6.99 -5.79 12.84
N SER B 237 6.55 -6.84 12.12
CA SER B 237 6.21 -6.69 10.68
C SER B 237 4.75 -6.89 10.40
N ARG B 238 4.36 -6.66 9.15
CA ARG B 238 2.97 -6.84 8.76
C ARG B 238 2.87 -7.28 7.32
N SER B 239 1.93 -8.19 7.08
CA SER B 239 1.42 -8.49 5.75
C SER B 239 -0.03 -8.89 5.92
N ALA B 240 -0.81 -8.66 4.86
CA ALA B 240 -2.21 -9.09 4.81
C ALA B 240 -2.34 -10.47 4.18
N ASN B 241 -1.22 -11.01 3.67
CA ASN B 241 -1.20 -12.25 2.89
C ASN B 241 -0.67 -13.43 3.71
N PRO B 242 -1.47 -14.48 3.88
CA PRO B 242 -1.07 -15.63 4.71
C PRO B 242 0.31 -16.24 4.36
N GLU B 243 0.63 -16.34 3.07
CA GLU B 243 1.95 -16.88 2.67
C GLU B 243 3.10 -15.93 2.97
N ARG B 244 2.90 -14.63 2.71
CA ARG B 244 3.94 -13.65 3.01
C ARG B 244 4.15 -13.49 4.53
N ILE B 245 3.06 -13.63 5.29
CA ILE B 245 3.14 -13.61 6.75
C ILE B 245 4.06 -14.76 7.19
N ALA B 246 3.80 -15.97 6.68
CA ALA B 246 4.68 -17.09 6.99
C ALA B 246 6.14 -16.83 6.54
N SER B 247 6.34 -16.20 5.38
CA SER B 247 7.69 -15.94 4.90
C SER B 247 8.42 -14.94 5.82
N ASN B 248 7.65 -14.04 6.45
CA ASN B 248 8.23 -12.99 7.29
C ASN B 248 8.71 -13.54 8.62
N LEU B 249 8.22 -14.72 8.98
CA LEU B 249 8.67 -15.42 10.16
C LEU B 249 9.96 -16.21 9.87
N ASP B 250 10.18 -16.50 8.59
CA ASP B 250 11.28 -17.39 8.18
C ASP B 250 12.62 -16.64 7.95
N VAL B 251 13.17 -16.13 9.04
CA VAL B 251 14.34 -15.26 8.99
C VAL B 251 15.43 -15.69 9.96
N PHE B 252 15.46 -16.98 10.26
CA PHE B 252 16.46 -17.55 11.16
C PHE B 252 17.35 -18.61 10.49
N GLY B 253 17.19 -18.78 9.17
CA GLY B 253 17.93 -19.78 8.37
C GLY B 253 19.23 -19.29 7.75
N PHE B 254 19.50 -18.00 7.88
CA PHE B 254 20.71 -17.39 7.37
C PHE B 254 21.10 -16.18 8.23
N GLU B 255 22.31 -15.67 7.99
CA GLU B 255 22.84 -14.46 8.64
C GLU B 255 23.49 -13.55 7.61
N LEU B 256 23.27 -12.25 7.74
CA LEU B 256 24.00 -11.26 6.94
C LEU B 256 25.45 -11.13 7.42
N THR B 257 26.37 -10.89 6.49
CA THR B 257 27.77 -10.73 6.86
C THR B 257 28.05 -9.33 7.43
N ALA B 258 29.23 -9.12 8.03
CA ALA B 258 29.52 -7.77 8.52
C ALA B 258 29.56 -6.73 7.40
N ASP B 259 30.08 -7.10 6.22
CA ASP B 259 30.10 -6.17 5.07
C ASP B 259 28.67 -5.78 4.71
N GLU B 260 27.76 -6.76 4.71
CA GLU B 260 26.35 -6.49 4.36
C GLU B 260 25.63 -5.64 5.42
N MET B 261 25.87 -5.94 6.69
CA MET B 261 25.42 -5.08 7.78
C MET B 261 25.93 -3.67 7.59
N GLU B 262 27.21 -3.52 7.24
CA GLU B 262 27.79 -2.18 7.06
C GLU B 262 27.11 -1.43 5.91
N THR B 263 26.87 -2.13 4.79
CA THR B 263 26.18 -1.52 3.67
C THR B 263 24.80 -1.00 4.05
N LEU B 264 24.05 -1.84 4.76
CA LEU B 264 22.68 -1.45 5.15
C LEU B 264 22.69 -0.38 6.24
N ASN B 265 23.72 -0.39 7.09
CA ASN B 265 23.89 0.64 8.14
C ASN B 265 24.29 1.99 7.57
N GLY B 266 24.64 1.99 6.28
CA GLY B 266 25.15 3.18 5.61
C GLY B 266 24.09 3.95 4.85
N LEU B 267 22.83 3.51 4.95
CA LEU B 267 21.75 4.07 4.14
C LEU B 267 20.90 5.13 4.83
N ASP B 268 21.17 5.40 6.11
CA ASP B 268 20.34 6.33 6.88
C ASP B 268 20.31 7.73 6.24
N ASP B 269 19.10 8.25 6.04
CA ASP B 269 18.90 9.62 5.52
C ASP B 269 17.75 10.33 6.24
N GLY B 270 17.31 9.73 7.35
CA GLY B 270 16.24 10.30 8.19
C GLY B 270 14.83 10.22 7.65
N THR B 271 14.58 9.38 6.65
CA THR B 271 13.23 9.22 6.08
C THR B 271 12.29 8.52 7.05
N ARG B 272 11.23 9.22 7.44
CA ARG B 272 10.15 8.66 8.25
C ARG B 272 8.91 8.44 7.38
N PHE B 273 8.44 7.19 7.33
CA PHE B 273 7.17 6.90 6.68
C PHE B 273 6.01 7.03 7.65
N ARG B 274 6.30 6.98 8.94
CA ARG B 274 5.30 7.24 9.97
C ARG B 274 5.56 8.61 10.62
N PRO B 275 4.60 9.14 11.41
CA PRO B 275 4.79 10.50 11.97
C PRO B 275 6.08 10.71 12.80
N ASP B 276 6.52 11.97 12.88
CA ASP B 276 7.67 12.34 13.71
C ASP B 276 7.21 12.69 15.14
N PRO B 277 7.63 11.88 16.14
CA PRO B 277 7.16 12.08 17.53
C PRO B 277 7.60 13.39 18.19
N ALA B 278 8.57 14.08 17.58
CA ALA B 278 9.05 15.37 18.07
C ALA B 278 7.96 16.44 17.98
N THR B 279 7.08 16.27 16.99
CA THR B 279 6.00 17.23 16.71
C THR B 279 4.60 16.64 16.86
N TYR B 280 4.39 15.45 16.28
CA TYR B 280 3.10 14.76 16.21
C TYR B 280 2.34 14.78 17.55
N THR B 281 1.06 15.14 17.50
CA THR B 281 0.24 15.24 18.71
C THR B 281 -0.99 14.33 18.62
N GLY B 282 -1.04 13.51 17.56
CA GLY B 282 -2.12 12.54 17.37
C GLY B 282 -1.81 11.18 17.97
N SER B 283 -2.44 10.16 17.42
CA SER B 283 -2.27 8.79 17.92
C SER B 283 -2.29 7.77 16.76
#